data_7R7K
#
_entry.id   7R7K
#
_cell.length_a   51.602
_cell.length_b   57.389
_cell.length_c   105.432
_cell.angle_alpha   90
_cell.angle_beta   90
_cell.angle_gamma   90
#
_symmetry.space_group_name_H-M   'P 21 21 21'
#
loop_
_entity.id
_entity.type
_entity.pdbx_description
1 polymer 'ALK tyrosine kinase receptor'
2 non-polymer 4-(6-amino-5-{(1R)-1-[5-fluoro-2-(2H-1,2,3-triazol-2-yl)phenyl]ethoxy}pyridin-3-yl)-2,3-dihydro-1H-isoindol-1-one
3 water water
#
_entity_poly.entity_id   1
_entity_poly.type   'polypeptide(L)'
_entity_poly.pdbx_seq_one_letter_code
;MAHHHHHHNPNYCFAGKTSSISDLKEVPRKNITLIRGLGHGAFGEVYEGQVSGMPNDPSPLQVAVKTLPEVCSEQDELDF
LMEALIISKFNHQNIVRCIGVSLQSLPRFILLELMAGGDLKSFLRETRPRPSQPSSLAMLDLLHVARDIACGCQYLEENH
FIHRDIAARNCLLTCPGPGRVAKIGDFGMARDIYRASYYRKGGCAMLPVKWMPPEAFMEGIFTSKTDTWSFGVLLWEIFS
LGYMPYPSKSNQEVLEFVTSGGRMDPPKNCPGPVYRIMTQCWQHQPEDRPNFAIILERIEYCTQDPDVINTALPIEYGPL
VEEEEKV
;
_entity_poly.pdbx_strand_id   A
#
loop_
_chem_comp.id
_chem_comp.type
_chem_comp.name
_chem_comp.formula
25J non-polymer 4-(6-amino-5-{(1R)-1-[5-fluoro-2-(2H-1,2,3-triazol-2-yl)phenyl]ethoxy}pyridin-3-yl)-2,3-dihydro-1H-isoindol-1-one 'C23 H19 F N6 O2'
#
# COMPACT_ATOMS: atom_id res chain seq x y z
N PRO A 10 -7.69 20.68 -14.79
CA PRO A 10 -6.95 19.41 -14.81
C PRO A 10 -7.88 18.20 -14.77
N ASN A 11 -7.89 17.42 -15.87
CA ASN A 11 -8.73 16.24 -16.03
C ASN A 11 -7.98 14.96 -15.59
N TYR A 12 -8.73 13.89 -15.32
CA TYR A 12 -8.14 12.62 -14.94
C TYR A 12 -8.80 11.49 -15.72
N CYS A 13 -8.00 10.53 -16.22
CA CYS A 13 -8.55 9.39 -16.94
C CYS A 13 -8.16 8.11 -16.21
N PHE A 14 -9.13 7.22 -16.00
CA PHE A 14 -8.95 5.91 -15.37
C PHE A 14 -9.90 4.97 -16.06
N ALA A 15 -9.40 3.81 -16.49
CA ALA A 15 -10.20 2.82 -17.19
C ALA A 15 -10.92 3.40 -18.41
N GLY A 16 -10.26 4.35 -19.08
CA GLY A 16 -10.78 5.06 -20.25
C GLY A 16 -11.96 5.98 -20.00
N LYS A 17 -12.20 6.33 -18.73
CA LYS A 17 -13.29 7.24 -18.37
C LYS A 17 -12.68 8.51 -17.79
N THR A 18 -13.17 9.67 -18.26
CA THR A 18 -12.62 10.94 -17.84
C THR A 18 -13.42 11.54 -16.71
N SER A 19 -12.72 12.17 -15.78
CA SER A 19 -13.38 12.86 -14.68
C SER A 19 -12.68 14.18 -14.38
N SER A 20 -13.39 15.10 -13.76
CA SER A 20 -12.83 16.41 -13.42
C SER A 20 -13.23 16.77 -11.99
N ILE A 21 -12.69 17.89 -11.44
CA ILE A 21 -13.00 18.37 -10.09
C ILE A 21 -14.50 18.47 -9.85
N SER A 22 -15.29 18.77 -10.92
CA SER A 22 -16.75 18.83 -10.78
C SER A 22 -17.39 17.52 -10.39
N ASP A 23 -16.76 16.38 -10.69
CA ASP A 23 -17.28 15.07 -10.33
C ASP A 23 -16.99 14.69 -8.86
N LEU A 24 -16.10 15.43 -8.18
CA LEU A 24 -15.80 15.10 -6.78
C LEU A 24 -16.98 15.48 -5.90
N LYS A 25 -17.27 14.66 -4.89
CA LYS A 25 -18.39 14.92 -4.01
C LYS A 25 -18.03 15.95 -2.94
N GLU A 26 -18.51 17.19 -3.13
CA GLU A 26 -18.23 18.26 -2.18
C GLU A 26 -19.07 18.11 -0.93
N VAL A 27 -18.44 18.00 0.24
CA VAL A 27 -19.12 17.87 1.53
C VAL A 27 -19.13 19.26 2.18
N PRO A 28 -20.30 19.76 2.63
CA PRO A 28 -20.35 21.09 3.26
C PRO A 28 -19.38 21.19 4.45
N ARG A 29 -18.52 22.22 4.47
CA ARG A 29 -17.53 22.40 5.54
C ARG A 29 -18.16 22.36 6.95
N LYS A 30 -19.39 22.92 7.11
CA LYS A 30 -20.10 22.90 8.40
C LYS A 30 -20.38 21.50 8.90
N ASN A 31 -20.49 20.50 8.01
CA ASN A 31 -20.76 19.13 8.44
C ASN A 31 -19.50 18.38 8.91
N ILE A 32 -18.30 18.98 8.78
CA ILE A 32 -17.06 18.29 9.10
C ILE A 32 -16.45 18.75 10.42
N THR A 33 -16.13 17.80 11.30
CA THR A 33 -15.49 18.11 12.58
C THR A 33 -14.18 17.31 12.72
N LEU A 34 -13.08 18.00 13.03
CA LEU A 34 -11.82 17.33 13.28
C LEU A 34 -11.80 16.89 14.76
N ILE A 35 -11.32 15.68 15.02
CA ILE A 35 -11.28 15.10 16.36
C ILE A 35 -9.87 15.03 16.94
N ARG A 36 -8.90 14.52 16.16
CA ARG A 36 -7.52 14.37 16.63
C ARG A 36 -6.55 14.23 15.45
N GLY A 37 -5.29 14.50 15.68
CA GLY A 37 -4.27 14.30 14.66
C GLY A 37 -3.96 12.81 14.51
N LEU A 38 -3.59 12.39 13.31
CA LEU A 38 -3.23 11.01 13.02
C LEU A 38 -1.77 10.89 12.54
N GLY A 39 -1.23 11.96 11.96
CA GLY A 39 0.14 11.96 11.47
C GLY A 39 0.33 12.80 10.23
N HIS A 40 1.59 12.91 9.76
CA HIS A 40 1.90 13.70 8.58
C HIS A 40 2.50 12.82 7.49
N GLY A 44 1.14 17.05 4.04
CA GLY A 44 0.38 17.80 5.04
C GLY A 44 -0.04 16.96 6.24
N GLU A 45 -1.01 17.46 7.01
CA GLU A 45 -1.46 16.75 8.20
C GLU A 45 -2.70 15.90 7.91
N VAL A 46 -2.89 14.88 8.73
CA VAL A 46 -4.03 13.99 8.61
C VAL A 46 -4.72 13.94 9.95
N TYR A 47 -6.05 14.03 9.94
CA TYR A 47 -6.85 14.01 11.15
C TYR A 47 -7.90 12.93 11.11
N GLU A 48 -8.35 12.50 12.26
CA GLU A 48 -9.50 11.64 12.38
C GLU A 48 -10.62 12.66 12.52
N GLY A 49 -11.68 12.50 11.75
CA GLY A 49 -12.81 13.41 11.79
C GLY A 49 -14.15 12.72 11.76
N GLN A 50 -15.19 13.54 11.65
CA GLN A 50 -16.58 13.13 11.58
C GLN A 50 -17.32 13.98 10.55
N VAL A 51 -18.31 13.39 9.87
CA VAL A 51 -19.15 14.08 8.89
C VAL A 51 -20.61 13.87 9.28
N PRO A 60 -23.09 9.52 12.66
CA PRO A 60 -22.18 10.29 11.80
C PRO A 60 -21.07 9.44 11.21
N LEU A 61 -20.64 9.79 10.00
CA LEU A 61 -19.57 9.07 9.31
C LEU A 61 -18.20 9.39 9.89
N GLN A 62 -17.45 8.36 10.29
CA GLN A 62 -16.09 8.56 10.78
C GLN A 62 -15.16 8.61 9.57
N VAL A 63 -14.28 9.62 9.51
CA VAL A 63 -13.40 9.78 8.35
C VAL A 63 -11.96 10.10 8.76
N ALA A 64 -11.04 9.94 7.82
CA ALA A 64 -9.66 10.39 7.92
C ALA A 64 -9.63 11.61 6.98
N VAL A 65 -9.15 12.73 7.48
CA VAL A 65 -9.12 13.98 6.75
C VAL A 65 -7.71 14.33 6.35
N LYS A 66 -7.45 14.38 5.06
CA LYS A 66 -6.16 14.76 4.53
C LYS A 66 -6.25 16.25 4.20
N THR A 67 -5.32 17.06 4.76
CA THR A 67 -5.40 18.51 4.56
C THR A 67 -4.33 19.02 3.64
N LEU A 68 -4.63 20.09 2.96
CA LEU A 68 -3.70 20.77 2.07
C LEU A 68 -3.26 22.03 2.79
N PRO A 69 -1.96 22.21 3.06
CA PRO A 69 -1.54 23.44 3.77
C PRO A 69 -1.92 24.69 3.00
N GLU A 70 -2.47 25.70 3.69
CA GLU A 70 -2.82 26.95 3.04
C GLU A 70 -1.57 27.63 2.44
N VAL A 71 -0.39 27.39 3.04
CA VAL A 71 0.87 27.90 2.53
C VAL A 71 1.43 26.84 1.57
N CYS A 72 0.97 26.86 0.34
CA CYS A 72 1.41 25.89 -0.66
C CYS A 72 1.56 26.53 -2.04
N SER A 73 2.30 25.87 -2.93
CA SER A 73 2.45 26.34 -4.29
C SER A 73 1.25 25.91 -5.16
N GLU A 74 1.14 26.43 -6.40
CA GLU A 74 0.07 26.01 -7.31
C GLU A 74 0.24 24.54 -7.72
N GLN A 75 1.49 24.04 -7.77
CA GLN A 75 1.80 22.64 -8.09
C GLN A 75 1.24 21.75 -6.97
N ASP A 76 1.44 22.15 -5.70
CA ASP A 76 0.91 21.41 -4.55
C ASP A 76 -0.63 21.30 -4.63
N GLU A 77 -1.30 22.37 -5.06
CA GLU A 77 -2.76 22.43 -5.21
C GLU A 77 -3.22 21.42 -6.28
N LEU A 78 -2.56 21.41 -7.45
CA LEU A 78 -2.89 20.51 -8.55
C LEU A 78 -2.65 19.06 -8.12
N ASP A 79 -1.57 18.80 -7.37
CA ASP A 79 -1.25 17.46 -6.88
C ASP A 79 -2.35 16.97 -5.94
N PHE A 80 -2.83 17.87 -5.06
CA PHE A 80 -3.88 17.56 -4.09
C PHE A 80 -5.16 17.23 -4.84
N LEU A 81 -5.53 18.05 -5.83
CA LEU A 81 -6.73 17.78 -6.63
C LEU A 81 -6.60 16.45 -7.38
N MET A 82 -5.40 16.15 -7.91
CA MET A 82 -5.18 14.90 -8.66
C MET A 82 -5.32 13.69 -7.76
N GLU A 83 -4.83 13.79 -6.53
CA GLU A 83 -4.95 12.70 -5.55
C GLU A 83 -6.43 12.38 -5.28
N ALA A 84 -7.24 13.43 -5.10
CA ALA A 84 -8.69 13.32 -4.85
C ALA A 84 -9.37 12.63 -6.05
N LEU A 85 -9.03 13.03 -7.27
CA LEU A 85 -9.61 12.42 -8.48
C LEU A 85 -9.24 10.92 -8.58
N ILE A 86 -7.96 10.59 -8.30
CA ILE A 86 -7.50 9.20 -8.39
C ILE A 86 -8.26 8.29 -7.41
N ILE A 87 -8.24 8.61 -6.12
CA ILE A 87 -8.94 7.79 -5.14
C ILE A 87 -10.45 7.71 -5.40
N SER A 88 -11.10 8.86 -5.71
CA SER A 88 -12.56 8.83 -5.94
C SER A 88 -12.99 7.96 -7.12
N LYS A 89 -12.11 7.77 -8.14
CA LYS A 89 -12.49 6.94 -9.29
C LYS A 89 -12.33 5.41 -9.09
N PHE A 90 -11.59 4.99 -8.07
CA PHE A 90 -11.49 3.55 -7.76
C PHE A 90 -12.78 3.06 -7.10
N ASN A 91 -13.09 1.77 -7.31
CA ASN A 91 -14.22 1.08 -6.71
C ASN A 91 -13.80 -0.36 -6.46
N HIS A 92 -13.19 -0.60 -5.29
CA HIS A 92 -12.77 -1.94 -4.94
C HIS A 92 -12.72 -2.07 -3.40
N GLN A 93 -13.10 -3.23 -2.86
CA GLN A 93 -13.12 -3.45 -1.40
C GLN A 93 -11.72 -3.36 -0.76
N ASN A 94 -10.65 -3.52 -1.54
CA ASN A 94 -9.30 -3.44 -0.98
C ASN A 94 -8.57 -2.14 -1.33
N ILE A 95 -9.34 -1.09 -1.63
CA ILE A 95 -8.78 0.21 -1.91
C ILE A 95 -9.60 1.17 -1.07
N VAL A 96 -8.94 1.97 -0.21
CA VAL A 96 -9.61 2.93 0.67
C VAL A 96 -10.65 3.80 -0.09
N ARG A 97 -11.86 3.90 0.49
CA ARG A 97 -12.89 4.73 -0.12
C ARG A 97 -12.64 6.21 0.13
N CYS A 98 -13.08 7.06 -0.79
CA CYS A 98 -13.06 8.49 -0.60
C CYS A 98 -14.51 8.89 -0.36
N ILE A 99 -14.81 9.37 0.83
CA ILE A 99 -16.16 9.83 1.21
C ILE A 99 -16.55 11.11 0.42
N GLY A 100 -15.57 11.94 0.16
CA GLY A 100 -15.75 13.17 -0.59
C GLY A 100 -14.59 14.10 -0.34
N VAL A 101 -14.80 15.39 -0.62
CA VAL A 101 -13.79 16.42 -0.49
C VAL A 101 -14.43 17.69 0.10
N SER A 102 -13.61 18.63 0.53
CA SER A 102 -14.07 19.95 0.93
C SER A 102 -13.05 20.88 0.32
N LEU A 103 -13.23 21.17 -0.97
CA LEU A 103 -12.31 22.00 -1.72
C LEU A 103 -12.74 23.48 -1.80
N GLN A 104 -13.97 23.80 -1.39
CA GLN A 104 -14.51 25.17 -1.45
C GLN A 104 -14.27 26.00 -0.17
N SER A 105 -13.40 25.51 0.71
CA SER A 105 -13.02 26.19 1.94
C SER A 105 -11.57 25.89 2.22
N LEU A 106 -10.91 26.79 2.95
CA LEU A 106 -9.50 26.64 3.29
C LEU A 106 -9.34 26.33 4.79
N PRO A 107 -8.45 25.38 5.16
CA PRO A 107 -7.64 24.53 4.28
C PRO A 107 -8.46 23.44 3.59
N ARG A 108 -8.08 23.09 2.36
CA ARG A 108 -8.82 22.11 1.59
C ARG A 108 -8.67 20.71 2.19
N PHE A 109 -9.73 19.91 2.10
CA PHE A 109 -9.75 18.55 2.65
C PHE A 109 -10.07 17.48 1.61
N ILE A 110 -9.51 16.29 1.83
CA ILE A 110 -9.87 15.06 1.13
C ILE A 110 -10.37 14.15 2.27
N LEU A 111 -11.58 13.61 2.14
CA LEU A 111 -12.15 12.78 3.21
C LEU A 111 -12.07 11.33 2.82
N LEU A 112 -11.31 10.53 3.58
CA LEU A 112 -11.19 9.12 3.31
C LEU A 112 -11.90 8.28 4.36
N GLU A 113 -12.20 7.03 4.00
CA GLU A 113 -12.69 5.98 4.88
C GLU A 113 -11.70 5.85 6.09
N LEU A 114 -12.20 5.94 7.32
CA LEU A 114 -11.31 5.85 8.49
C LEU A 114 -10.94 4.40 8.76
N MET A 115 -9.66 4.07 8.58
CA MET A 115 -9.18 2.71 8.77
C MET A 115 -8.68 2.60 10.20
N ALA A 116 -9.55 2.17 11.11
CA ALA A 116 -9.30 2.14 12.56
C ALA A 116 -8.08 1.30 13.00
N GLY A 117 -7.63 0.38 12.14
CA GLY A 117 -6.44 -0.43 12.41
C GLY A 117 -5.13 0.28 12.11
N GLY A 118 -5.18 1.46 11.51
CA GLY A 118 -3.99 2.22 11.16
C GLY A 118 -3.21 1.60 10.00
N ASP A 119 -1.97 2.07 9.83
CA ASP A 119 -1.11 1.59 8.76
C ASP A 119 -0.56 0.18 9.05
N LEU A 120 -0.29 -0.56 8.00
CA LEU A 120 0.13 -1.95 8.11
C LEU A 120 1.53 -2.04 8.70
N LYS A 121 2.42 -1.14 8.27
CA LYS A 121 3.81 -1.09 8.77
C LYS A 121 3.84 -1.03 10.32
N SER A 122 3.07 -0.09 10.91
CA SER A 122 3.00 0.08 12.36
C SER A 122 2.30 -1.07 13.04
N PHE A 123 1.20 -1.58 12.45
CA PHE A 123 0.46 -2.72 12.98
C PHE A 123 1.38 -3.93 13.14
N LEU A 124 2.18 -4.27 12.11
CA LEU A 124 3.06 -5.44 12.18
C LEU A 124 4.05 -5.32 13.33
N ARG A 125 4.62 -4.12 13.51
CA ARG A 125 5.58 -3.88 14.59
C ARG A 125 4.94 -3.90 15.98
N GLU A 126 3.75 -3.29 16.13
CA GLU A 126 3.05 -3.25 17.41
C GLU A 126 2.36 -4.55 17.78
N THR A 127 2.00 -5.39 16.81
CA THR A 127 1.23 -6.64 17.06
C THR A 127 2.09 -7.92 16.97
N ARG A 128 3.41 -7.77 16.91
CA ARG A 128 4.39 -8.88 16.89
C ARG A 128 4.15 -9.76 18.12
N PRO A 129 4.11 -11.11 17.96
CA PRO A 129 3.97 -11.98 19.14
C PRO A 129 5.07 -11.71 20.17
N ARG A 130 4.69 -11.63 21.45
CA ARG A 130 5.57 -11.36 22.57
C ARG A 130 5.22 -12.27 23.78
N PRO A 131 6.08 -12.43 24.80
CA PRO A 131 5.73 -13.31 25.92
C PRO A 131 4.36 -13.02 26.55
N SER A 132 3.96 -11.73 26.61
CA SER A 132 2.65 -11.31 27.13
C SER A 132 1.50 -11.71 26.19
N GLN A 133 1.73 -11.67 24.87
CA GLN A 133 0.74 -12.07 23.87
C GLN A 133 1.41 -13.01 22.87
N PRO A 134 1.47 -14.32 23.16
CA PRO A 134 2.17 -15.24 22.26
C PRO A 134 1.46 -15.55 20.95
N SER A 135 0.12 -15.49 20.97
CA SER A 135 -0.68 -15.75 19.79
C SER A 135 -1.41 -14.50 19.34
N SER A 136 -0.74 -13.34 19.42
CA SER A 136 -1.33 -12.08 18.97
C SER A 136 -1.54 -12.11 17.43
N LEU A 137 -0.62 -12.76 16.71
CA LEU A 137 -0.68 -12.92 15.27
C LEU A 137 -0.28 -14.35 14.89
N ALA A 138 -0.85 -14.87 13.83
CA ALA A 138 -0.54 -16.21 13.33
C ALA A 138 -0.31 -16.10 11.80
N MET A 139 0.23 -17.16 11.15
CA MET A 139 0.46 -17.16 9.70
C MET A 139 -0.80 -16.83 8.91
N LEU A 140 -1.97 -17.30 9.38
CA LEU A 140 -3.22 -17.01 8.69
C LEU A 140 -3.55 -15.50 8.66
N ASP A 141 -3.24 -14.75 9.73
CA ASP A 141 -3.47 -13.29 9.75
C ASP A 141 -2.64 -12.63 8.65
N LEU A 142 -1.37 -13.04 8.53
CA LEU A 142 -0.47 -12.52 7.53
C LEU A 142 -0.90 -12.88 6.12
N LEU A 143 -1.33 -14.12 5.90
CA LEU A 143 -1.80 -14.57 4.61
C LEU A 143 -3.07 -13.83 4.18
N HIS A 144 -3.95 -13.51 5.13
CA HIS A 144 -5.17 -12.75 4.85
C HIS A 144 -4.83 -11.32 4.46
N VAL A 145 -3.87 -10.68 5.16
CA VAL A 145 -3.43 -9.33 4.77
C VAL A 145 -2.84 -9.38 3.32
N ALA A 146 -1.98 -10.39 3.01
CA ALA A 146 -1.36 -10.53 1.69
C ALA A 146 -2.42 -10.74 0.60
N ARG A 147 -3.40 -11.58 0.86
CA ARG A 147 -4.51 -11.83 -0.07
C ARG A 147 -5.28 -10.54 -0.35
N ASP A 148 -5.61 -9.79 0.70
CA ASP A 148 -6.37 -8.53 0.61
C ASP A 148 -5.65 -7.53 -0.31
N ILE A 149 -4.34 -7.29 -0.06
CA ILE A 149 -3.57 -6.36 -0.89
C ILE A 149 -3.39 -6.89 -2.31
N ALA A 150 -3.16 -8.22 -2.49
CA ALA A 150 -3.04 -8.80 -3.83
C ALA A 150 -4.36 -8.65 -4.62
N CYS A 151 -5.49 -8.67 -3.94
CA CYS A 151 -6.79 -8.50 -4.56
C CYS A 151 -6.90 -7.03 -5.06
N GLY A 152 -6.48 -6.08 -4.22
CA GLY A 152 -6.43 -4.67 -4.62
C GLY A 152 -5.47 -4.46 -5.79
N CYS A 153 -4.30 -5.13 -5.76
CA CYS A 153 -3.33 -5.02 -6.85
C CYS A 153 -3.89 -5.60 -8.15
N GLN A 154 -4.62 -6.72 -8.05
CA GLN A 154 -5.27 -7.39 -9.19
C GLN A 154 -6.25 -6.45 -9.84
N TYR A 155 -7.07 -5.74 -9.02
CA TYR A 155 -8.03 -4.75 -9.52
C TYR A 155 -7.28 -3.65 -10.31
N LEU A 156 -6.17 -3.12 -9.76
CA LEU A 156 -5.36 -2.11 -10.44
C LEU A 156 -4.78 -2.65 -11.75
N GLU A 157 -4.27 -3.88 -11.74
CA GLU A 157 -3.68 -4.50 -12.92
C GLU A 157 -4.73 -4.67 -14.03
N GLU A 158 -5.91 -5.21 -13.67
CA GLU A 158 -6.96 -5.41 -14.66
C GLU A 158 -7.52 -4.06 -15.21
N ASN A 159 -7.37 -2.95 -14.45
CA ASN A 159 -7.72 -1.62 -14.92
C ASN A 159 -6.52 -0.80 -15.46
N HIS A 160 -5.38 -1.47 -15.69
CA HIS A 160 -4.17 -0.91 -16.29
C HIS A 160 -3.62 0.28 -15.52
N PHE A 161 -3.70 0.22 -14.18
CA PHE A 161 -3.19 1.29 -13.33
C PHE A 161 -1.95 0.74 -12.59
N ILE A 162 -0.83 1.44 -12.71
CA ILE A 162 0.41 1.00 -12.06
C ILE A 162 0.61 1.80 -10.78
N HIS A 163 0.55 1.11 -9.62
CA HIS A 163 0.66 1.80 -8.33
C HIS A 163 2.01 2.48 -8.12
N ARG A 164 3.10 1.76 -8.40
CA ARG A 164 4.49 2.22 -8.35
C ARG A 164 5.09 2.29 -6.94
N ASP A 165 4.28 2.08 -5.88
CA ASP A 165 4.82 2.12 -4.53
C ASP A 165 4.10 1.16 -3.57
N ILE A 166 3.93 -0.09 -4.01
CA ILE A 166 3.28 -1.10 -3.16
C ILE A 166 4.24 -1.41 -1.99
N ALA A 167 3.86 -1.00 -0.77
CA ALA A 167 4.69 -1.11 0.41
C ALA A 167 3.83 -1.09 1.67
N ALA A 168 4.34 -1.67 2.78
CA ALA A 168 3.53 -1.73 4.00
C ALA A 168 3.08 -0.37 4.51
N ARG A 169 3.94 0.65 4.35
CA ARG A 169 3.63 2.01 4.78
C ARG A 169 2.42 2.59 4.05
N ASN A 170 2.08 2.05 2.85
CA ASN A 170 0.98 2.52 2.04
C ASN A 170 -0.30 1.69 2.18
N CYS A 171 -0.34 0.74 3.15
CA CYS A 171 -1.50 -0.10 3.37
C CYS A 171 -2.13 0.21 4.72
N LEU A 172 -3.46 0.08 4.80
CA LEU A 172 -4.24 0.37 6.01
C LEU A 172 -5.08 -0.84 6.40
N LEU A 173 -5.51 -0.91 7.69
CA LEU A 173 -6.30 -2.01 8.22
C LEU A 173 -7.60 -1.48 8.79
N THR A 174 -8.73 -2.14 8.50
CA THR A 174 -10.04 -1.65 8.96
C THR A 174 -10.17 -1.67 10.48
N CYS A 175 -9.49 -2.63 11.13
CA CYS A 175 -9.55 -2.79 12.59
C CYS A 175 -8.34 -3.58 13.11
N PRO A 176 -7.95 -3.44 14.40
CA PRO A 176 -6.81 -4.22 14.91
C PRO A 176 -7.06 -5.74 15.04
N GLY A 177 -8.33 -6.14 15.17
CA GLY A 177 -8.74 -7.54 15.39
C GLY A 177 -8.77 -8.49 14.21
N PRO A 178 -9.09 -9.78 14.50
CA PRO A 178 -9.08 -10.85 13.46
C PRO A 178 -9.87 -10.65 12.15
N GLY A 179 -10.97 -9.91 12.21
CA GLY A 179 -11.76 -9.63 11.03
C GLY A 179 -11.21 -8.47 10.20
N ARG A 180 -9.97 -8.02 10.50
CA ARG A 180 -9.37 -6.90 9.78
C ARG A 180 -9.30 -7.15 8.30
N VAL A 181 -9.45 -6.09 7.54
CA VAL A 181 -9.35 -6.13 6.10
C VAL A 181 -8.28 -5.11 5.72
N ALA A 182 -7.28 -5.54 4.94
CA ALA A 182 -6.22 -4.68 4.47
C ALA A 182 -6.59 -4.04 3.14
N LYS A 183 -6.17 -2.77 2.96
CA LYS A 183 -6.46 -1.97 1.77
C LYS A 183 -5.29 -1.09 1.39
N ILE A 184 -5.17 -0.77 0.10
CA ILE A 184 -4.17 0.17 -0.36
C ILE A 184 -4.72 1.55 -0.02
N GLY A 185 -3.96 2.35 0.72
CA GLY A 185 -4.48 3.63 1.21
C GLY A 185 -3.80 4.88 0.71
N ASP A 186 -2.68 4.75 0.00
CA ASP A 186 -1.95 5.92 -0.51
C ASP A 186 -1.60 5.70 -1.97
N PHE A 187 -1.73 6.76 -2.78
CA PHE A 187 -1.47 6.78 -4.22
C PHE A 187 -0.61 7.97 -4.65
N GLY A 188 0.26 8.43 -3.75
CA GLY A 188 1.12 9.60 -3.96
C GLY A 188 2.09 9.46 -5.11
N MET A 189 2.76 8.30 -5.20
CA MET A 189 3.71 8.05 -6.28
C MET A 189 3.02 8.05 -7.64
N ALA A 190 1.89 7.36 -7.74
CA ALA A 190 1.14 7.29 -8.99
C ALA A 190 0.64 8.68 -9.40
N ARG A 191 0.22 9.48 -8.42
CA ARG A 191 -0.25 10.84 -8.67
C ARG A 191 0.88 11.69 -9.24
N ASP A 192 2.08 11.60 -8.63
CA ASP A 192 3.26 12.33 -9.10
C ASP A 192 3.60 11.99 -10.55
N ILE A 193 3.55 10.71 -10.91
CA ILE A 193 3.84 10.28 -12.28
C ILE A 193 2.77 10.74 -13.26
N TYR A 194 1.48 10.65 -12.86
CA TYR A 194 0.39 11.14 -13.71
C TYR A 194 0.56 12.66 -13.98
N ARG A 195 0.98 13.39 -12.93
CA ARG A 195 1.29 14.83 -12.80
C ARG A 195 0.08 15.64 -12.34
N GLY A 202 10.76 16.31 -6.03
CA GLY A 202 11.14 15.12 -6.79
C GLY A 202 12.63 14.88 -6.87
N GLY A 203 13.08 13.70 -6.44
CA GLY A 203 14.49 13.36 -6.48
C GLY A 203 14.78 11.88 -6.30
N CYS A 204 16.01 11.46 -6.66
CA CYS A 204 16.41 10.07 -6.54
C CYS A 204 16.47 9.57 -5.08
N ALA A 205 16.83 10.45 -4.12
CA ALA A 205 16.87 10.02 -2.71
C ALA A 205 15.49 9.76 -2.09
N MET A 206 14.41 10.18 -2.77
CA MET A 206 13.04 9.94 -2.32
C MET A 206 12.36 8.76 -3.06
N LEU A 207 13.02 8.16 -4.05
CA LEU A 207 12.43 7.03 -4.78
C LEU A 207 12.44 5.80 -3.89
N PRO A 208 11.39 4.98 -3.93
CA PRO A 208 11.37 3.78 -3.06
C PRO A 208 12.20 2.65 -3.66
N VAL A 209 13.53 2.88 -3.80
CA VAL A 209 14.51 1.97 -4.39
C VAL A 209 14.35 0.51 -3.90
N LYS A 210 14.17 0.33 -2.61
CA LYS A 210 14.04 -1.00 -2.01
C LYS A 210 12.80 -1.78 -2.41
N TRP A 211 11.84 -1.12 -3.03
CA TRP A 211 10.63 -1.77 -3.51
C TRP A 211 10.61 -1.87 -5.07
N MET A 212 11.69 -1.45 -5.77
CA MET A 212 11.67 -1.39 -7.23
C MET A 212 12.46 -2.47 -7.95
N PRO A 213 11.90 -2.96 -9.08
CA PRO A 213 12.63 -3.96 -9.89
C PRO A 213 13.74 -3.31 -10.74
N PRO A 214 14.68 -4.10 -11.29
CA PRO A 214 15.81 -3.51 -12.03
C PRO A 214 15.46 -2.63 -13.21
N GLU A 215 14.44 -3.00 -14.02
CA GLU A 215 14.06 -2.18 -15.17
C GLU A 215 13.43 -0.83 -14.76
N ALA A 216 12.87 -0.74 -13.54
CA ALA A 216 12.25 0.50 -13.06
C ALA A 216 13.30 1.53 -12.65
N PHE A 217 14.28 1.14 -11.79
CA PHE A 217 15.28 2.13 -11.38
C PHE A 217 16.34 2.36 -12.46
N MET A 218 16.55 1.41 -13.39
CA MET A 218 17.55 1.57 -14.44
C MET A 218 17.04 2.31 -15.68
N GLU A 219 15.89 1.88 -16.24
CA GLU A 219 15.36 2.47 -17.46
C GLU A 219 14.12 3.32 -17.26
N GLY A 220 13.58 3.38 -16.06
CA GLY A 220 12.33 4.11 -15.83
C GLY A 220 11.17 3.43 -16.56
N ILE A 221 11.27 2.08 -16.76
CA ILE A 221 10.25 1.32 -17.43
C ILE A 221 9.32 0.79 -16.38
N PHE A 222 8.05 1.12 -16.50
CA PHE A 222 7.03 0.68 -15.58
C PHE A 222 5.91 -0.06 -16.31
N THR A 223 5.53 -1.23 -15.79
CA THR A 223 4.41 -2.06 -16.30
C THR A 223 3.70 -2.67 -15.03
N SER A 224 2.65 -3.49 -15.20
CA SER A 224 2.01 -4.19 -14.08
C SER A 224 3.01 -5.10 -13.34
N LYS A 225 4.09 -5.55 -14.04
CA LYS A 225 5.13 -6.37 -13.45
C LYS A 225 6.02 -5.58 -12.46
N THR A 226 5.97 -4.24 -12.48
CA THR A 226 6.67 -3.42 -11.48
C THR A 226 5.97 -3.67 -10.13
N ASP A 227 4.61 -3.62 -10.13
CA ASP A 227 3.84 -3.87 -8.91
C ASP A 227 4.01 -5.27 -8.42
N THR A 228 4.19 -6.26 -9.32
CA THR A 228 4.44 -7.65 -8.87
C THR A 228 5.72 -7.71 -8.05
N TRP A 229 6.80 -7.06 -8.53
CA TRP A 229 8.07 -7.06 -7.80
C TRP A 229 7.87 -6.40 -6.42
N SER A 230 7.24 -5.19 -6.40
CA SER A 230 7.02 -4.50 -5.13
C SER A 230 6.16 -5.36 -4.18
N PHE A 231 5.16 -6.08 -4.71
CA PHE A 231 4.32 -6.97 -3.91
C PHE A 231 5.15 -8.03 -3.21
N GLY A 232 6.15 -8.58 -3.90
CA GLY A 232 7.10 -9.51 -3.30
C GLY A 232 7.81 -8.91 -2.08
N VAL A 233 8.26 -7.65 -2.19
CA VAL A 233 8.91 -6.92 -1.11
C VAL A 233 7.91 -6.69 0.05
N LEU A 234 6.65 -6.31 -0.26
CA LEU A 234 5.60 -6.15 0.76
C LEU A 234 5.36 -7.51 1.45
N LEU A 235 5.39 -8.63 0.70
CA LEU A 235 5.23 -9.97 1.30
C LEU A 235 6.33 -10.22 2.33
N TRP A 236 7.56 -9.82 2.00
CA TRP A 236 8.70 -9.94 2.92
C TRP A 236 8.46 -9.05 4.13
N GLU A 237 7.99 -7.81 3.94
CA GLU A 237 7.67 -6.93 5.07
C GLU A 237 6.64 -7.56 6.00
N ILE A 238 5.59 -8.17 5.42
CA ILE A 238 4.51 -8.80 6.19
C ILE A 238 5.03 -9.97 7.01
N PHE A 239 5.75 -10.89 6.36
CA PHE A 239 6.22 -12.11 7.01
C PHE A 239 7.43 -11.87 7.94
N SER A 240 8.13 -10.74 7.78
CA SER A 240 9.17 -10.35 8.73
C SER A 240 8.55 -9.64 9.97
N LEU A 241 7.23 -9.32 9.92
CA LEU A 241 6.53 -8.60 10.95
C LEU A 241 7.01 -7.15 11.04
N GLY A 242 7.18 -6.53 9.88
CA GLY A 242 7.45 -5.10 9.82
C GLY A 242 8.88 -4.61 9.78
N TYR A 243 9.85 -5.48 9.46
CA TYR A 243 11.24 -5.03 9.30
C TYR A 243 11.41 -4.26 8.00
N MET A 244 12.39 -3.39 7.97
CA MET A 244 12.77 -2.65 6.78
C MET A 244 13.43 -3.67 5.81
N PRO A 245 13.06 -3.67 4.51
CA PRO A 245 13.70 -4.60 3.57
C PRO A 245 15.22 -4.40 3.43
N TYR A 246 15.92 -5.48 3.05
CA TYR A 246 17.37 -5.53 2.88
C TYR A 246 18.08 -5.05 4.14
N PRO A 247 17.94 -5.80 5.24
CA PRO A 247 18.59 -5.37 6.49
C PRO A 247 20.05 -4.91 6.35
N SER A 248 20.33 -3.71 6.87
CA SER A 248 21.65 -3.06 6.93
C SER A 248 22.10 -2.44 5.60
N LYS A 249 21.32 -2.60 4.51
CA LYS A 249 21.71 -2.02 3.22
C LYS A 249 21.12 -0.65 2.96
N SER A 250 21.94 0.23 2.42
CA SER A 250 21.47 1.55 1.98
C SER A 250 20.80 1.41 0.58
N ASN A 251 20.13 2.47 0.09
CA ASN A 251 19.50 2.43 -1.24
C ASN A 251 20.48 2.01 -2.36
N GLN A 252 21.68 2.62 -2.41
CA GLN A 252 22.64 2.27 -3.48
C GLN A 252 23.16 0.86 -3.34
N GLU A 253 23.33 0.38 -2.10
CA GLU A 253 23.79 -1.00 -1.87
C GLU A 253 22.68 -1.96 -2.40
N VAL A 254 21.40 -1.62 -2.15
CA VAL A 254 20.29 -2.45 -2.64
C VAL A 254 20.25 -2.44 -4.12
N LEU A 255 20.40 -1.27 -4.74
CA LEU A 255 20.41 -1.14 -6.20
C LEU A 255 21.48 -2.04 -6.83
N GLU A 256 22.70 -2.01 -6.31
CA GLU A 256 23.79 -2.84 -6.83
C GLU A 256 23.56 -4.33 -6.56
N PHE A 257 23.04 -4.65 -5.38
CA PHE A 257 22.74 -6.03 -4.95
C PHE A 257 21.68 -6.65 -5.87
N VAL A 258 20.53 -5.98 -6.04
CA VAL A 258 19.40 -6.47 -6.85
C VAL A 258 19.78 -6.55 -8.33
N THR A 259 20.50 -5.54 -8.88
CA THR A 259 20.94 -5.52 -10.27
C THR A 259 21.88 -6.70 -10.57
N SER A 260 22.68 -7.11 -9.58
CA SER A 260 23.60 -8.25 -9.67
C SER A 260 22.94 -9.61 -9.38
N GLY A 261 21.62 -9.64 -9.16
CA GLY A 261 20.90 -10.88 -8.91
C GLY A 261 20.65 -11.23 -7.45
N GLY A 262 21.07 -10.36 -6.55
CA GLY A 262 20.91 -10.54 -5.11
C GLY A 262 19.45 -10.43 -4.69
N ARG A 263 19.01 -11.34 -3.80
CA ARG A 263 17.64 -11.36 -3.27
C ARG A 263 17.65 -11.52 -1.75
N MET A 264 16.60 -11.00 -1.10
CA MET A 264 16.49 -11.15 0.35
C MET A 264 16.34 -12.61 0.74
N ASP A 265 16.87 -12.93 1.92
CA ASP A 265 16.71 -14.21 2.58
C ASP A 265 15.24 -14.31 3.08
N PRO A 266 14.74 -15.52 3.35
CA PRO A 266 13.40 -15.62 3.92
C PRO A 266 13.32 -14.93 5.27
N PRO A 267 12.21 -14.27 5.59
CA PRO A 267 12.06 -13.75 6.96
C PRO A 267 12.09 -14.91 7.97
N LYS A 268 12.36 -14.59 9.24
CA LYS A 268 12.44 -15.59 10.31
C LYS A 268 11.17 -16.45 10.38
N ASN A 269 11.34 -17.80 10.30
CA ASN A 269 10.26 -18.80 10.35
C ASN A 269 9.34 -18.82 9.13
N CYS A 270 9.70 -18.08 8.07
CA CYS A 270 8.86 -18.02 6.88
C CYS A 270 8.75 -19.37 6.21
N PRO A 271 7.51 -19.85 6.02
CA PRO A 271 7.34 -21.13 5.33
C PRO A 271 7.85 -21.05 3.88
N GLY A 272 8.45 -22.16 3.43
CA GLY A 272 8.98 -22.28 2.07
C GLY A 272 8.02 -21.88 0.97
N PRO A 273 6.76 -22.35 1.00
CA PRO A 273 5.79 -21.97 -0.04
C PRO A 273 5.56 -20.45 -0.13
N VAL A 274 5.62 -19.74 1.00
CA VAL A 274 5.46 -18.28 1.06
C VAL A 274 6.72 -17.61 0.49
N TYR A 275 7.90 -18.06 0.91
CA TYR A 275 9.17 -17.54 0.37
C TYR A 275 9.25 -17.74 -1.16
N ARG A 276 8.70 -18.87 -1.66
CA ARG A 276 8.67 -19.17 -3.09
C ARG A 276 7.85 -18.14 -3.88
N ILE A 277 6.79 -17.60 -3.27
CA ILE A 277 5.99 -16.55 -3.90
C ILE A 277 6.87 -15.30 -4.04
N MET A 278 7.60 -14.93 -2.97
CA MET A 278 8.50 -13.78 -3.01
C MET A 278 9.57 -13.93 -4.11
N THR A 279 10.23 -15.08 -4.20
CA THR A 279 11.30 -15.26 -5.19
C THR A 279 10.76 -15.25 -6.61
N GLN A 280 9.48 -15.67 -6.83
CA GLN A 280 8.84 -15.58 -8.14
C GLN A 280 8.50 -14.12 -8.53
N CYS A 281 8.05 -13.32 -7.54
CA CYS A 281 7.80 -11.87 -7.71
C CYS A 281 9.11 -11.14 -8.08
N TRP A 282 10.25 -11.62 -7.58
CA TRP A 282 11.54 -11.00 -7.83
C TRP A 282 12.31 -11.59 -9.02
N GLN A 283 11.61 -12.18 -10.02
CA GLN A 283 12.34 -12.71 -11.18
C GLN A 283 12.95 -11.53 -11.96
N HIS A 284 14.22 -11.64 -12.41
CA HIS A 284 14.87 -10.54 -13.13
C HIS A 284 14.06 -10.03 -14.34
N GLN A 285 13.57 -10.95 -15.18
CA GLN A 285 12.78 -10.56 -16.33
C GLN A 285 11.32 -10.36 -15.92
N PRO A 286 10.72 -9.22 -16.26
CA PRO A 286 9.30 -8.99 -15.94
C PRO A 286 8.37 -10.10 -16.46
N GLU A 287 8.62 -10.65 -17.67
CA GLU A 287 7.81 -11.73 -18.23
C GLU A 287 7.83 -13.02 -17.39
N ASP A 288 8.89 -13.23 -16.60
CA ASP A 288 8.99 -14.37 -15.71
C ASP A 288 8.30 -14.17 -14.35
N ARG A 289 7.80 -12.97 -14.05
CA ARG A 289 7.09 -12.69 -12.79
C ARG A 289 5.61 -13.01 -12.99
N PRO A 290 4.97 -13.52 -11.94
CA PRO A 290 3.55 -13.85 -12.06
C PRO A 290 2.68 -12.60 -12.09
N ASN A 291 1.52 -12.67 -12.74
CA ASN A 291 0.55 -11.58 -12.64
C ASN A 291 -0.20 -11.75 -11.26
N PHE A 292 -1.13 -10.85 -10.93
CA PHE A 292 -1.78 -10.93 -9.62
C PHE A 292 -2.77 -12.11 -9.51
N ALA A 293 -3.34 -12.62 -10.61
CA ALA A 293 -4.24 -13.78 -10.54
C ALA A 293 -3.46 -15.00 -10.07
N ILE A 294 -2.22 -15.18 -10.58
CA ILE A 294 -1.37 -16.31 -10.20
C ILE A 294 -0.89 -16.12 -8.75
N ILE A 295 -0.52 -14.88 -8.38
CA ILE A 295 -0.14 -14.59 -6.99
C ILE A 295 -1.28 -14.94 -6.01
N LEU A 296 -2.54 -14.53 -6.33
CA LEU A 296 -3.69 -14.86 -5.49
C LEU A 296 -3.91 -16.36 -5.38
N GLU A 297 -3.75 -17.08 -6.49
CA GLU A 297 -3.86 -18.54 -6.53
C GLU A 297 -2.81 -19.17 -5.57
N ARG A 298 -1.57 -18.67 -5.62
CA ARG A 298 -0.50 -19.19 -4.75
C ARG A 298 -0.71 -18.84 -3.29
N ILE A 299 -1.22 -17.62 -2.98
CA ILE A 299 -1.55 -17.25 -1.60
C ILE A 299 -2.67 -18.18 -1.08
N GLU A 300 -3.68 -18.44 -1.93
CA GLU A 300 -4.78 -19.35 -1.56
C GLU A 300 -4.28 -20.74 -1.21
N TYR A 301 -3.35 -21.29 -2.02
CA TYR A 301 -2.77 -22.60 -1.74
C TYR A 301 -2.01 -22.61 -0.41
N CYS A 302 -1.24 -21.53 -0.12
CA CYS A 302 -0.53 -21.42 1.17
C CYS A 302 -1.52 -21.44 2.33
N THR A 303 -2.64 -20.72 2.17
CA THR A 303 -3.69 -20.60 3.17
C THR A 303 -4.31 -21.96 3.48
N GLN A 304 -4.43 -22.83 2.47
CA GLN A 304 -4.99 -24.17 2.64
C GLN A 304 -4.02 -25.16 3.28
N ASP A 305 -2.72 -24.99 3.07
CA ASP A 305 -1.67 -25.92 3.51
C ASP A 305 -1.46 -25.89 5.03
N PRO A 306 -1.75 -26.99 5.76
CA PRO A 306 -1.55 -26.98 7.23
C PRO A 306 -0.09 -26.78 7.63
N ASP A 307 0.85 -27.29 6.85
CA ASP A 307 2.28 -27.10 7.13
C ASP A 307 2.69 -25.60 7.08
N VAL A 308 1.94 -24.79 6.33
CA VAL A 308 2.19 -23.35 6.29
C VAL A 308 1.52 -22.68 7.48
N ILE A 309 0.17 -22.81 7.63
CA ILE A 309 -0.55 -22.06 8.63
C ILE A 309 -0.31 -22.55 10.06
N ASN A 310 0.20 -23.77 10.24
CA ASN A 310 0.53 -24.26 11.59
C ASN A 310 1.95 -23.83 12.03
N THR A 311 2.67 -23.08 11.19
CA THR A 311 4.01 -22.62 11.55
C THR A 311 3.89 -21.47 12.51
N ALA A 312 4.54 -21.56 13.67
CA ALA A 312 4.50 -20.47 14.64
C ALA A 312 5.36 -19.30 14.21
N LEU A 313 4.86 -18.09 14.44
CA LEU A 313 5.64 -16.89 14.18
C LEU A 313 6.65 -16.74 15.33
N PRO A 314 7.80 -16.11 15.08
CA PRO A 314 8.77 -15.91 16.18
C PRO A 314 8.19 -15.04 17.29
N ILE A 315 8.60 -15.32 18.52
CA ILE A 315 8.15 -14.55 19.67
C ILE A 315 9.30 -13.65 20.09
N GLU A 316 9.14 -12.35 19.90
CA GLU A 316 10.18 -11.36 20.21
C GLU A 316 10.27 -11.14 21.73
C18 25J B . -2.37 5.57 11.34
C17 25J B . -3.18 5.76 10.20
C19 25J B . -2.95 5.49 12.61
C10 25J B . -0.67 6.35 6.07
C11 25J B . -0.84 5.45 5.01
C3 25J B . -4.84 6.85 8.03
C13 25J B . -2.97 6.50 4.46
C14 25J B . -0.99 8.83 9.31
C15 25J B . -1.05 9.92 8.44
C1 25J B . -6.64 5.60 8.91
C4 25J B . -4.58 5.87 10.31
C2 25J B . -5.36 6.10 9.08
C21 25J B . -4.32 5.58 12.70
C20 25J B . -5.14 5.76 11.57
C8 25J B . -2.81 7.39 5.53
C9 25J B . -1.66 7.31 6.33
C6 25J B . -5.60 7.05 6.88
C12 25J B . -1.98 5.53 4.22
C5 25J B . -6.86 6.50 6.79
C22 25J B . -5.19 5.52 13.90
C23 25J B . -6.57 5.79 12.02
C16 25J B . -3.93 9.44 4.70
C7 25J B . -3.90 8.39 5.79
N1 25J B . -7.41 5.77 7.80
N3 25J B . -1.23 7.70 8.65
N4 25J B . -1.31 9.50 7.20
N2 25J B . -1.43 8.18 7.40
N6 25J B . -6.47 5.76 13.47
N5 25J B . -7.63 6.69 5.63
O2 25J B . -4.79 5.33 15.05
O1 25J B . -5.18 7.77 5.76
F1 25J B . -2.15 4.68 3.19
H15 25J B . -1.29 5.51 11.23
H14 25J B . -2.70 5.83 9.23
H16 25J B . -2.34 5.35 13.50
H4 25J B . 0.21 6.29 6.70
H5 25J B . -0.08 4.71 4.81
H2 25J B . -3.85 7.26 8.12
H6 25J B . -3.85 6.54 3.84
H7 25J B . -0.79 8.82 10.38
H8 25J B . -0.88 10.98 8.64
H1 25J B . -7.12 5.00 9.67
H18 25J B . -7.08 6.71 11.70
H19 25J B . -7.13 4.90 11.73
H10 25J B . -2.93 9.88 4.58
H11 25J B . -4.62 10.24 4.97
H9 25J B . -4.23 9.00 3.76
H3 25J B . -3.75 8.90 6.75
H17 25J B . -7.27 5.79 14.09
H12 25J B . -7.25 7.23 4.86
H13 25J B . -8.56 6.29 5.55
#